data_6FBF
#
_entry.id   6FBF
#
_cell.length_a   109.310
_cell.length_b   109.310
_cell.length_c   91.123
_cell.angle_alpha   90.00
_cell.angle_beta   90.00
_cell.angle_gamma   120.00
#
_symmetry.space_group_name_H-M   'P 31 2 1'
#
loop_
_entity.id
_entity.type
_entity.pdbx_description
1 polymer 'DNA polymerase I, thermostable'
2 polymer "DNA (5'-D(*GP*AP*CP*CP*AP*GP*CP*AP*(OH3)P*CP*GP*C)-3')"
3 polymer "DNA (5'-D(*AP*AP*AP*CP*GP*CP*GP*GP*TP*GP*CP*TP*GP*GP*TP*C)-3')"
4 non-polymer 'MANGANESE (II) ION'
5 non-polymer "2'-deoxy-5'-O-[(R)-hydroxy{[(R)-hydroxy(phosphonooxy)phosphoryl]amino}phosphoryl]guanosine"
6 water water
#
loop_
_entity_poly.entity_id
_entity_poly.type
_entity_poly.pdbx_seq_one_letter_code
_entity_poly.pdbx_strand_id
1 'polypeptide(L)'
;MALEEAPWPPPEGAFVGFVLSRKEPMWADLLALAAARGGRVHRAPEPYKALRDLKEARGLLAKDLSVLALREGLGLPPGD
DPMLLAYLLDPSNTTPEGVARRYGGEWTEEAGERAALSERLFANLWGRLEGEERLLWLYREVERPLSAVLAHMEATGVRL
DVAYLRALSLEVAEEIARLEAEVFRLAGHPFNLNSRDQLERVLFDELGLPAIGKTEKTGKRSTSAAVLEALREAHPIVEK
ILQYRELTKLKSTYIDPLPDLIHPRTGRLHTRFNQTATATGRLSSSDPNLQNIPVRTPLGQRIRRAFIAEEGWLLVALDY
SQIELRVLAHLSGDENLIRVFQEGRDIHTETASWMFGVPREAVDPLMRRAAKTINFGVLYGMSAHRLSQELAIPYEEAQA
FIERYFQSFPKVRAWIEKTLEEGRRRGYVETLFGRRRYVPDLEARVKSVREAAERMAFNMPVQGTAADLMKLAMVKLFPR
LEEMGARMLLQVHDELVLEAPKERAEAVARLAKEVMEGVYPLAVPLEVEVGIGEDWLSAKE
;
A
2 'polydeoxyribonucleotide' (DG)(DA)(DC)(DC)(DA)(DG)(DC)(DA)(D4B)(DC)(DG)(DC) B
3 'polydeoxyribonucleotide' (DA)(DA)(DA)(DC)(DG)(DC)(DG)(DG)(DT)(DG)(DC)(DT)(DG)(DG)(DT)(DC) C
#
loop_
_chem_comp.id
_chem_comp.type
_chem_comp.name
_chem_comp.formula
D4B DNA linking '[(2~{R},3~{S},5~{R})-5-[4-azanyl-5-[2-(4-ethynylphenyl)ethynyl]-2-oxidanylidene-pyrimidin-1-yl]-3-oxidanyl-oxolan-2-yl]methyl dihydrogen phosphate' 'C19 H18 N3 O7 P'
DA DNA linking 2'-DEOXYADENOSINE-5'-MONOPHOSPHATE 'C10 H14 N5 O6 P'
DC DNA linking 2'-DEOXYCYTIDINE-5'-MONOPHOSPHATE 'C9 H14 N3 O7 P'
DG DNA linking 2'-DEOXYGUANOSINE-5'-MONOPHOSPHATE 'C10 H14 N5 O7 P'
DT DNA linking THYMIDINE-5'-MONOPHOSPHATE 'C10 H15 N2 O8 P'
MN non-polymer 'MANGANESE (II) ION' 'Mn 2'
XG4 non-polymer 2'-deoxy-5'-O-[(R)-hydroxy{[(R)-hydroxy(phosphonooxy)phosphoryl]amino}phosphoryl]guanosine 'C10 H17 N6 O12 P3'
#
# COMPACT_ATOMS: atom_id res chain seq x y z
N LEU A 3 18.64 -33.28 -11.83
CA LEU A 3 19.79 -32.85 -11.03
C LEU A 3 20.27 -33.97 -10.12
N GLU A 4 21.59 -34.04 -9.93
CA GLU A 4 22.19 -35.04 -9.07
C GLU A 4 21.90 -34.69 -7.60
N GLU A 5 21.22 -35.59 -6.90
CA GLU A 5 20.92 -35.37 -5.49
C GLU A 5 22.19 -35.52 -4.65
N ALA A 6 22.54 -34.46 -3.94
CA ALA A 6 23.74 -34.42 -3.11
C ALA A 6 23.37 -34.21 -1.66
N PRO A 7 24.26 -34.54 -0.72
CA PRO A 7 23.92 -34.41 0.70
C PRO A 7 23.94 -32.97 1.18
N TRP A 8 23.06 -32.69 2.15
CA TRP A 8 23.10 -31.41 2.83
C TRP A 8 24.40 -31.31 3.64
N PRO A 9 25.00 -30.11 3.76
CA PRO A 9 24.60 -28.80 3.25
C PRO A 9 25.08 -28.50 1.83
N PRO A 10 24.53 -27.45 1.23
CA PRO A 10 24.96 -27.05 -0.11
C PRO A 10 26.16 -26.12 -0.03
N PRO A 11 26.80 -25.82 -1.15
CA PRO A 11 27.89 -24.83 -1.14
C PRO A 11 27.34 -23.41 -1.03
N GLU A 12 28.22 -22.51 -0.57
CA GLU A 12 27.83 -21.12 -0.43
C GLU A 12 27.36 -20.56 -1.77
N GLY A 13 26.31 -19.74 -1.71
CA GLY A 13 25.76 -19.12 -2.90
C GLY A 13 24.72 -19.95 -3.63
N ALA A 14 24.25 -21.04 -3.05
CA ALA A 14 23.26 -21.88 -3.70
C ALA A 14 21.88 -21.24 -3.62
N PHE A 15 21.01 -21.64 -4.55
CA PHE A 15 19.64 -21.15 -4.61
C PHE A 15 18.75 -22.02 -3.72
N VAL A 16 17.94 -21.38 -2.88
CA VAL A 16 17.15 -22.08 -1.88
C VAL A 16 15.75 -22.33 -2.41
N GLY A 17 15.15 -23.42 -1.93
CA GLY A 17 13.73 -23.69 -2.13
C GLY A 17 13.12 -24.16 -0.82
N PHE A 18 11.91 -23.71 -0.52
CA PHE A 18 11.30 -24.01 0.77
C PHE A 18 9.80 -24.10 0.63
N VAL A 19 9.18 -24.84 1.54
CA VAL A 19 7.73 -25.04 1.58
C VAL A 19 7.23 -24.65 2.95
N LEU A 20 6.23 -23.77 2.99
CA LEU A 20 5.62 -23.30 4.22
C LEU A 20 4.24 -23.91 4.38
N SER A 21 3.86 -24.17 5.64
CA SER A 21 2.52 -24.67 5.92
C SER A 21 1.46 -23.62 5.62
N ARG A 22 1.83 -22.34 5.56
CA ARG A 22 0.90 -21.27 5.27
C ARG A 22 1.70 -20.08 4.77
N LYS A 23 1.00 -19.19 4.05
CA LYS A 23 1.69 -18.11 3.35
C LYS A 23 2.41 -17.16 4.30
N GLU A 24 1.91 -17.00 5.52
CA GLU A 24 2.49 -16.03 6.45
C GLU A 24 3.79 -16.57 7.06
N PRO A 25 4.95 -16.00 6.74
CA PRO A 25 6.21 -16.54 7.30
C PRO A 25 6.30 -16.46 8.81
N MET A 26 5.74 -15.43 9.44
CA MET A 26 5.79 -15.33 10.89
C MET A 26 4.95 -16.41 11.57
N TRP A 27 3.96 -16.97 10.87
CA TRP A 27 3.10 -18.00 11.45
C TRP A 27 3.31 -19.37 10.85
N ALA A 28 4.16 -19.50 9.84
CA ALA A 28 4.25 -20.74 9.08
C ALA A 28 5.23 -21.73 9.72
N ASP A 29 4.90 -23.01 9.58
CA ASP A 29 5.81 -24.09 9.90
C ASP A 29 6.66 -24.40 8.68
N LEU A 30 7.98 -24.42 8.85
CA LEU A 30 8.89 -24.72 7.75
C LEU A 30 8.86 -26.22 7.49
N LEU A 31 8.11 -26.62 6.46
CA LEU A 31 7.89 -28.03 6.20
C LEU A 31 9.05 -28.69 5.47
N ALA A 32 9.73 -27.96 4.59
CA ALA A 32 10.82 -28.55 3.81
C ALA A 32 11.77 -27.45 3.38
N LEU A 33 13.03 -27.83 3.20
CA LEU A 33 14.08 -26.91 2.79
C LEU A 33 15.03 -27.64 1.85
N ALA A 34 15.41 -26.97 0.76
CA ALA A 34 16.30 -27.55 -0.22
C ALA A 34 17.13 -26.46 -0.87
N ALA A 35 18.16 -26.86 -1.59
CA ALA A 35 19.05 -25.92 -2.27
C ALA A 35 19.63 -26.59 -3.51
N ALA A 36 20.09 -25.76 -4.45
CA ALA A 36 20.61 -26.28 -5.71
C ALA A 36 21.68 -25.35 -6.25
N ARG A 37 22.76 -25.95 -6.77
CA ARG A 37 23.81 -25.25 -7.48
C ARG A 37 24.78 -26.25 -8.06
N GLY A 38 25.45 -25.86 -9.14
CA GLY A 38 26.44 -26.73 -9.76
C GLY A 38 25.88 -28.04 -10.25
N GLY A 39 24.64 -28.06 -10.74
CA GLY A 39 24.04 -29.28 -11.22
C GLY A 39 23.66 -30.26 -10.15
N ARG A 40 23.46 -29.79 -8.91
CA ARG A 40 23.12 -30.65 -7.79
C ARG A 40 21.91 -30.07 -7.06
N VAL A 41 21.29 -30.92 -6.25
CA VAL A 41 20.18 -30.53 -5.39
C VAL A 41 20.44 -31.10 -4.01
N HIS A 42 20.29 -30.27 -2.98
CA HIS A 42 20.51 -30.67 -1.60
C HIS A 42 19.20 -30.53 -0.84
N ARG A 43 18.71 -31.63 -0.29
CA ARG A 43 17.48 -31.64 0.50
C ARG A 43 17.82 -31.82 1.97
N ALA A 44 17.25 -30.97 2.80
CA ALA A 44 17.59 -30.95 4.22
C ALA A 44 16.85 -32.06 4.97
N PRO A 45 17.55 -32.85 5.80
CA PRO A 45 16.81 -33.83 6.63
C PRO A 45 15.87 -33.16 7.62
N GLU A 46 16.30 -32.09 8.26
CA GLU A 46 15.49 -31.36 9.24
C GLU A 46 15.51 -29.89 8.85
N PRO A 47 14.41 -29.34 8.34
CA PRO A 47 14.47 -27.96 7.80
C PRO A 47 14.98 -26.93 8.81
N TYR A 48 14.42 -26.92 10.02
CA TYR A 48 14.79 -25.89 10.98
C TYR A 48 16.28 -25.92 11.29
N LYS A 49 16.80 -27.10 11.65
CA LYS A 49 18.24 -27.24 11.88
C LYS A 49 19.03 -26.79 10.65
N ALA A 50 18.54 -27.12 9.46
CA ALA A 50 19.26 -26.80 8.23
C ALA A 50 19.33 -25.30 7.95
N LEU A 51 18.39 -24.52 8.48
CA LEU A 51 18.45 -23.07 8.29
C LEU A 51 19.78 -22.49 8.79
N ARG A 52 20.33 -23.06 9.86
CA ARG A 52 21.58 -22.54 10.42
C ARG A 52 22.74 -22.64 9.45
N ASP A 53 22.64 -23.49 8.42
CA ASP A 53 23.75 -23.71 7.50
C ASP A 53 23.82 -22.68 6.38
N LEU A 54 22.78 -21.90 6.17
CA LEU A 54 22.74 -20.93 5.08
C LEU A 54 23.26 -19.58 5.55
N LYS A 55 24.04 -18.93 4.68
CA LYS A 55 24.50 -17.57 4.93
C LYS A 55 23.64 -16.53 4.23
N GLU A 56 22.84 -16.93 3.25
CA GLU A 56 22.01 -16.01 2.50
C GLU A 56 20.88 -16.80 1.84
N ALA A 57 19.71 -16.16 1.75
CA ALA A 57 18.55 -16.75 1.11
C ALA A 57 18.47 -16.22 -0.32
N ARG A 58 18.90 -17.04 -1.27
CA ARG A 58 18.81 -16.72 -2.70
C ARG A 58 17.75 -17.63 -3.33
N GLY A 59 16.70 -17.02 -3.85
CA GLY A 59 15.69 -17.78 -4.57
C GLY A 59 14.34 -17.08 -4.53
N LEU A 60 13.34 -17.79 -5.06
CA LEU A 60 11.99 -17.26 -5.09
C LEU A 60 11.48 -17.01 -3.68
N LEU A 61 10.86 -15.85 -3.47
CA LEU A 61 10.29 -15.48 -2.18
C LEU A 61 11.35 -15.49 -1.09
N ALA A 62 12.56 -15.06 -1.44
CA ALA A 62 13.67 -15.07 -0.49
C ALA A 62 13.30 -14.35 0.81
N LYS A 63 12.58 -13.22 0.70
CA LYS A 63 12.25 -12.44 1.89
C LYS A 63 11.45 -13.28 2.89
N ASP A 64 10.45 -14.02 2.40
CA ASP A 64 9.61 -14.81 3.30
C ASP A 64 10.45 -15.77 4.14
N LEU A 65 11.41 -16.45 3.52
CA LEU A 65 12.27 -17.35 4.29
C LEU A 65 13.15 -16.58 5.27
N SER A 66 13.66 -15.42 4.85
CA SER A 66 14.45 -14.60 5.75
C SER A 66 13.63 -14.16 6.96
N VAL A 67 12.35 -13.81 6.75
CA VAL A 67 11.49 -13.45 7.86
C VAL A 67 11.38 -14.61 8.84
N LEU A 68 11.16 -15.81 8.32
CA LEU A 68 11.03 -16.98 9.20
C LEU A 68 12.34 -17.25 9.92
N ALA A 69 13.47 -17.02 9.26
CA ALA A 69 14.76 -17.19 9.92
C ALA A 69 14.95 -16.18 11.04
N LEU A 70 14.57 -14.93 10.80
CA LEU A 70 14.62 -13.92 11.86
C LEU A 70 13.70 -14.29 13.00
N ARG A 71 12.52 -14.83 12.69
CA ARG A 71 11.61 -15.29 13.74
C ARG A 71 12.30 -16.30 14.66
N GLU A 72 13.16 -17.14 14.09
CA GLU A 72 13.90 -18.14 14.85
C GLU A 72 15.22 -17.60 15.39
N GLY A 73 15.43 -16.30 15.34
CA GLY A 73 16.66 -15.71 15.85
C GLY A 73 17.88 -15.91 14.99
N LEU A 74 17.70 -16.10 13.68
CA LEU A 74 18.81 -16.35 12.76
C LEU A 74 18.94 -15.17 11.81
N GLY A 75 20.17 -14.67 11.66
CA GLY A 75 20.45 -13.61 10.72
C GLY A 75 20.71 -14.15 9.33
N LEU A 76 19.64 -14.39 8.57
CA LEU A 76 19.72 -14.95 7.23
C LEU A 76 19.15 -13.92 6.26
N PRO A 77 19.99 -13.03 5.73
CA PRO A 77 19.47 -11.95 4.89
C PRO A 77 19.02 -12.46 3.54
N PRO A 78 18.01 -11.86 2.93
CA PRO A 78 17.61 -12.25 1.58
C PRO A 78 18.53 -11.66 0.54
N GLY A 79 18.76 -12.43 -0.52
CA GLY A 79 19.59 -12.00 -1.63
C GLY A 79 18.82 -11.97 -2.93
N ASP A 80 19.39 -12.56 -3.97
CA ASP A 80 18.75 -12.56 -5.27
C ASP A 80 17.41 -13.28 -5.20
N ASP A 81 16.42 -12.73 -5.90
CA ASP A 81 15.08 -13.29 -5.98
C ASP A 81 14.55 -13.12 -7.40
N PRO A 82 14.35 -14.20 -8.15
CA PRO A 82 13.83 -14.04 -9.53
C PRO A 82 12.52 -13.27 -9.60
N MET A 83 11.72 -13.28 -8.53
CA MET A 83 10.48 -12.51 -8.54
C MET A 83 10.75 -11.02 -8.74
N LEU A 84 11.79 -10.50 -8.07
CA LEU A 84 12.12 -9.09 -8.20
C LEU A 84 12.60 -8.75 -9.60
N LEU A 85 13.36 -9.66 -10.22
CA LEU A 85 13.78 -9.44 -11.61
C LEU A 85 12.59 -9.41 -12.55
N ALA A 86 11.70 -10.39 -12.43
CA ALA A 86 10.51 -10.43 -13.27
C ALA A 86 9.61 -9.21 -13.01
N TYR A 87 9.46 -8.84 -11.75
CA TYR A 87 8.60 -7.71 -11.40
C TYR A 87 9.10 -6.43 -12.06
N LEU A 88 10.42 -6.25 -12.14
CA LEU A 88 10.98 -5.06 -12.79
C LEU A 88 10.84 -5.14 -14.30
N LEU A 89 11.02 -6.34 -14.88
CA LEU A 89 10.80 -6.50 -16.31
C LEU A 89 9.36 -6.17 -16.69
N ASP A 90 8.41 -6.54 -15.81
CA ASP A 90 6.99 -6.33 -16.06
C ASP A 90 6.25 -6.46 -14.74
N PRO A 91 5.69 -5.38 -14.19
CA PRO A 91 5.04 -5.48 -12.87
C PRO A 91 3.78 -6.33 -12.86
N SER A 92 3.34 -6.84 -14.02
CA SER A 92 2.29 -7.86 -14.00
C SER A 92 2.80 -9.22 -13.54
N ASN A 93 4.13 -9.38 -13.44
CA ASN A 93 4.73 -10.58 -12.86
C ASN A 93 4.66 -10.44 -11.34
N THR A 94 3.60 -10.99 -10.75
CA THR A 94 3.33 -10.83 -9.34
C THR A 94 3.34 -12.13 -8.55
N THR A 95 3.26 -13.28 -9.20
CA THR A 95 3.18 -14.55 -8.49
C THR A 95 4.22 -15.52 -9.04
N PRO A 96 4.71 -16.45 -8.20
CA PRO A 96 5.63 -17.45 -8.71
C PRO A 96 5.01 -18.37 -9.74
N GLU A 97 3.71 -18.66 -9.62
CA GLU A 97 3.02 -19.48 -10.62
C GLU A 97 3.20 -18.90 -12.02
N GLY A 98 2.94 -17.60 -12.17
CA GLY A 98 3.05 -16.98 -13.49
C GLY A 98 4.48 -16.81 -13.95
N VAL A 99 5.36 -16.38 -13.05
CA VAL A 99 6.76 -16.18 -13.43
C VAL A 99 7.37 -17.48 -13.93
N ALA A 100 7.08 -18.59 -13.24
CA ALA A 100 7.63 -19.88 -13.66
C ALA A 100 7.15 -20.26 -15.05
N ARG A 101 5.84 -20.22 -15.27
CA ARG A 101 5.28 -20.61 -16.56
C ARG A 101 5.71 -19.68 -17.69
N ARG A 102 6.16 -18.46 -17.37
CA ARG A 102 6.54 -17.51 -18.38
C ARG A 102 8.02 -17.55 -18.74
N TYR A 103 8.87 -17.98 -17.79
CA TYR A 103 10.32 -17.91 -17.98
C TYR A 103 10.99 -19.27 -17.81
N GLY A 104 10.24 -20.36 -17.95
CA GLY A 104 10.85 -21.68 -18.09
C GLY A 104 10.82 -22.54 -16.83
N GLY A 105 9.62 -22.91 -16.38
CA GLY A 105 9.53 -23.80 -15.25
C GLY A 105 8.09 -23.95 -14.80
N GLU A 106 7.93 -24.67 -13.68
CA GLU A 106 6.63 -24.91 -13.07
C GLU A 106 6.77 -24.79 -11.56
N TRP A 107 5.92 -23.98 -10.95
CA TRP A 107 5.94 -23.76 -9.50
C TRP A 107 5.16 -24.87 -8.83
N THR A 108 5.87 -25.76 -8.13
CA THR A 108 5.27 -26.93 -7.50
C THR A 108 5.22 -26.72 -5.99
N GLU A 109 5.04 -27.82 -5.24
CA GLU A 109 4.97 -27.78 -3.78
C GLU A 109 6.09 -28.60 -3.15
N GLU A 110 7.21 -28.80 -3.86
CA GLU A 110 8.34 -29.55 -3.36
C GLU A 110 9.56 -28.64 -3.31
N ALA A 111 10.22 -28.59 -2.16
CA ALA A 111 11.31 -27.65 -1.96
C ALA A 111 12.44 -27.88 -2.97
N GLY A 112 12.81 -29.14 -3.19
CA GLY A 112 13.87 -29.43 -4.15
C GLY A 112 13.58 -28.87 -5.53
N GLU A 113 12.33 -29.05 -6.00
CA GLU A 113 11.96 -28.50 -7.30
C GLU A 113 11.95 -26.97 -7.27
N ARG A 114 11.53 -26.38 -6.16
CA ARG A 114 11.54 -24.93 -6.05
C ARG A 114 12.96 -24.38 -6.04
N ALA A 115 13.89 -25.09 -5.39
CA ALA A 115 15.30 -24.68 -5.43
C ALA A 115 15.84 -24.73 -6.85
N ALA A 116 15.58 -25.83 -7.57
CA ALA A 116 16.04 -25.94 -8.95
C ALA A 116 15.36 -24.91 -9.84
N LEU A 117 14.08 -24.63 -9.57
CA LEU A 117 13.37 -23.61 -10.33
C LEU A 117 13.97 -22.23 -10.10
N SER A 118 14.27 -21.89 -8.85
CA SER A 118 14.89 -20.60 -8.55
C SER A 118 16.18 -20.42 -9.33
N GLU A 119 16.99 -21.49 -9.41
CA GLU A 119 18.25 -21.40 -10.14
C GLU A 119 18.02 -21.16 -11.62
N ARG A 120 17.09 -21.90 -12.22
CA ARG A 120 16.82 -21.76 -13.65
C ARG A 120 16.22 -20.41 -13.97
N LEU A 121 15.25 -19.95 -13.16
CA LEU A 121 14.59 -18.68 -13.46
C LEU A 121 15.54 -17.50 -13.29
N PHE A 122 16.42 -17.55 -12.28
CA PHE A 122 17.38 -16.48 -12.10
C PHE A 122 18.30 -16.35 -13.32
N ALA A 123 18.81 -17.48 -13.81
CA ALA A 123 19.68 -17.45 -14.97
C ALA A 123 19.00 -16.82 -16.17
N ASN A 124 17.74 -17.22 -16.43
CA ASN A 124 17.04 -16.72 -17.61
C ASN A 124 16.64 -15.26 -17.44
N LEU A 125 16.07 -14.91 -16.28
CA LEU A 125 15.65 -13.54 -16.06
C LEU A 125 16.84 -12.59 -16.00
N TRP A 126 17.93 -13.01 -15.37
CA TRP A 126 19.14 -12.19 -15.36
C TRP A 126 19.62 -11.93 -16.78
N GLY A 127 19.52 -12.94 -17.65
CA GLY A 127 19.90 -12.75 -19.03
C GLY A 127 19.01 -11.77 -19.76
N ARG A 128 17.71 -11.76 -19.42
CA ARG A 128 16.79 -10.83 -20.07
C ARG A 128 17.04 -9.39 -19.66
N LEU A 129 17.62 -9.17 -18.48
CA LEU A 129 17.93 -7.84 -18.01
C LEU A 129 19.30 -7.36 -18.45
N GLU A 130 20.05 -8.17 -19.19
CA GLU A 130 21.30 -7.71 -19.78
C GLU A 130 21.01 -6.62 -20.79
N GLY A 131 21.58 -5.43 -20.57
CA GLY A 131 21.33 -4.28 -21.39
C GLY A 131 20.31 -3.32 -20.80
N GLU A 132 19.52 -3.75 -19.83
CA GLU A 132 18.55 -2.89 -19.15
C GLU A 132 19.23 -2.24 -17.94
N GLU A 133 20.12 -1.29 -18.24
CA GLU A 133 20.92 -0.67 -17.20
C GLU A 133 20.05 -0.05 -16.11
N ARG A 134 18.99 0.66 -16.50
CA ARG A 134 18.16 1.33 -15.51
C ARG A 134 17.40 0.34 -14.64
N LEU A 135 16.88 -0.73 -15.25
CA LEU A 135 16.21 -1.76 -14.46
C LEU A 135 17.19 -2.51 -13.56
N LEU A 136 18.43 -2.71 -14.02
CA LEU A 136 19.44 -3.32 -13.16
C LEU A 136 19.82 -2.40 -12.01
N TRP A 137 19.82 -1.09 -12.24
CA TRP A 137 20.08 -0.16 -11.14
C TRP A 137 19.00 -0.25 -10.08
N LEU A 138 17.74 -0.29 -10.52
CA LEU A 138 16.64 -0.43 -9.56
C LEU A 138 16.74 -1.74 -8.80
N TYR A 139 17.19 -2.80 -9.44
CA TYR A 139 17.32 -4.09 -8.77
C TYR A 139 18.46 -4.06 -7.76
N ARG A 140 19.62 -3.53 -8.17
CA ARG A 140 20.80 -3.55 -7.30
C ARG A 140 20.71 -2.52 -6.19
N GLU A 141 20.14 -1.36 -6.46
CA GLU A 141 20.17 -0.25 -5.53
C GLU A 141 18.87 -0.04 -4.77
N VAL A 142 17.78 -0.69 -5.18
CA VAL A 142 16.49 -0.50 -4.51
C VAL A 142 15.92 -1.84 -4.08
N GLU A 143 15.43 -2.62 -5.03
CA GLU A 143 14.59 -3.77 -4.70
C GLU A 143 15.35 -4.82 -3.88
N ARG A 144 16.51 -5.25 -4.35
CA ARG A 144 17.23 -6.30 -3.64
C ARG A 144 17.60 -5.86 -2.22
N PRO A 145 18.23 -4.70 -2.01
CA PRO A 145 18.49 -4.28 -0.62
C PRO A 145 17.23 -3.99 0.16
N LEU A 146 16.16 -3.54 -0.50
CA LEU A 146 14.92 -3.28 0.22
C LEU A 146 14.35 -4.55 0.81
N SER A 147 14.49 -5.69 0.12
CA SER A 147 13.93 -6.94 0.62
C SER A 147 14.48 -7.26 2.01
N ALA A 148 15.76 -6.94 2.25
CA ALA A 148 16.32 -7.12 3.58
C ALA A 148 15.64 -6.22 4.60
N VAL A 149 15.40 -4.96 4.21
CA VAL A 149 14.73 -4.03 5.11
C VAL A 149 13.34 -4.55 5.47
N LEU A 150 12.58 -4.96 4.45
CA LEU A 150 11.22 -5.45 4.70
C LEU A 150 11.23 -6.68 5.59
N ALA A 151 12.20 -7.57 5.39
CA ALA A 151 12.27 -8.77 6.23
C ALA A 151 12.38 -8.40 7.70
N HIS A 152 13.26 -7.45 8.03
CA HIS A 152 13.40 -7.02 9.42
C HIS A 152 12.11 -6.37 9.93
N MET A 153 11.51 -5.49 9.11
CA MET A 153 10.25 -4.87 9.51
C MET A 153 9.21 -5.92 9.83
N GLU A 154 9.00 -6.88 8.93
CA GLU A 154 7.98 -7.91 9.15
C GLU A 154 8.27 -8.70 10.42
N ALA A 155 9.52 -9.09 10.65
CA ALA A 155 9.86 -9.88 11.82
C ALA A 155 9.77 -9.08 13.11
N THR A 156 9.81 -7.75 13.05
CA THR A 156 9.77 -6.94 14.26
C THR A 156 8.35 -6.77 14.76
N GLY A 157 7.42 -6.42 13.87
CA GLY A 157 6.04 -6.24 14.25
C GLY A 157 5.82 -4.93 14.99
N VAL A 158 4.54 -4.69 15.33
CA VAL A 158 4.14 -3.48 16.04
C VAL A 158 3.33 -3.90 17.27
N ARG A 159 3.47 -3.11 18.33
CA ARG A 159 2.75 -3.39 19.56
C ARG A 159 1.32 -2.85 19.47
N LEU A 160 0.38 -3.59 20.05
CA LEU A 160 -1.04 -3.26 19.99
C LEU A 160 -1.62 -3.28 21.40
N ASP A 161 -2.53 -2.37 21.68
CA ASP A 161 -3.21 -2.31 22.98
C ASP A 161 -4.43 -3.22 22.90
N VAL A 162 -4.23 -4.50 23.22
CA VAL A 162 -5.29 -5.50 23.07
C VAL A 162 -6.46 -5.16 23.97
N ALA A 163 -6.21 -5.02 25.28
CA ALA A 163 -7.29 -4.74 26.21
C ALA A 163 -8.09 -3.53 25.79
N TYR A 164 -7.41 -2.52 25.25
CA TYR A 164 -8.10 -1.32 24.76
C TYR A 164 -9.05 -1.66 23.63
N LEU A 165 -8.63 -2.51 22.69
CA LEU A 165 -9.49 -2.89 21.59
C LEU A 165 -10.58 -3.87 22.00
N ARG A 166 -10.30 -4.76 22.96
CA ARG A 166 -11.34 -5.65 23.46
C ARG A 166 -12.49 -4.84 24.06
N ALA A 167 -12.17 -3.86 24.90
CA ALA A 167 -13.21 -3.01 25.47
C ALA A 167 -13.95 -2.22 24.40
N LEU A 168 -13.22 -1.76 23.39
CA LEU A 168 -13.85 -1.00 22.31
C LEU A 168 -14.83 -1.87 21.54
N SER A 169 -14.51 -3.15 21.35
CA SER A 169 -15.41 -4.05 20.63
C SER A 169 -16.76 -4.15 21.33
N LEU A 170 -16.76 -4.30 22.65
CA LEU A 170 -18.01 -4.41 23.39
C LEU A 170 -18.82 -3.13 23.31
N GLU A 171 -18.15 -1.97 23.32
CA GLU A 171 -18.85 -0.70 23.19
C GLU A 171 -19.50 -0.58 21.82
N VAL A 172 -18.73 -0.77 20.76
CA VAL A 172 -19.25 -0.63 19.40
C VAL A 172 -20.38 -1.63 19.16
N ALA A 173 -20.33 -2.80 19.81
CA ALA A 173 -21.37 -3.79 19.63
C ALA A 173 -22.73 -3.25 20.06
N GLU A 174 -22.78 -2.63 21.25
CA GLU A 174 -24.05 -2.11 21.75
C GLU A 174 -24.63 -1.06 20.82
N GLU A 175 -23.77 -0.22 20.24
N GLU A 175 -23.77 -0.21 20.25
CA GLU A 175 -24.23 0.81 19.32
CA GLU A 175 -24.29 0.80 19.33
C GLU A 175 -24.75 0.21 18.02
C GLU A 175 -24.80 0.17 18.03
N ILE A 176 -24.08 -0.83 17.52
CA ILE A 176 -24.55 -1.51 16.31
C ILE A 176 -25.92 -2.12 16.56
N ALA A 177 -26.16 -2.63 17.76
CA ALA A 177 -27.46 -3.20 18.10
C ALA A 177 -28.55 -2.12 18.05
N ARG A 178 -28.25 -0.92 18.53
CA ARG A 178 -29.23 0.15 18.48
C ARG A 178 -29.50 0.60 17.05
N LEU A 179 -28.49 0.57 16.18
CA LEU A 179 -28.68 0.95 14.79
C LEU A 179 -29.47 -0.12 14.04
N GLU A 180 -29.12 -1.39 14.23
N GLU A 180 -29.11 -1.38 14.22
CA GLU A 180 -29.80 -2.46 13.52
CA GLU A 180 -29.82 -2.45 13.50
C GLU A 180 -31.26 -2.55 13.95
C GLU A 180 -31.27 -2.52 13.94
N ALA A 181 -31.54 -2.34 15.23
CA ALA A 181 -32.92 -2.35 15.70
C ALA A 181 -33.70 -1.17 15.15
N GLU A 182 -33.03 -0.02 14.96
CA GLU A 182 -33.68 1.14 14.36
C GLU A 182 -33.97 0.90 12.89
N VAL A 183 -33.03 0.30 12.16
CA VAL A 183 -33.24 0.00 10.74
C VAL A 183 -34.40 -0.97 10.58
N PHE A 184 -34.45 -2.02 11.41
CA PHE A 184 -35.51 -3.01 11.28
C PHE A 184 -36.88 -2.39 11.51
N ARG A 185 -37.01 -1.50 12.49
CA ARG A 185 -38.29 -0.87 12.75
C ARG A 185 -38.76 -0.06 11.55
N LEU A 186 -37.86 0.72 10.95
CA LEU A 186 -38.25 1.55 9.81
C LEU A 186 -38.57 0.69 8.59
N ALA A 187 -37.85 -0.41 8.41
CA ALA A 187 -38.16 -1.33 7.32
C ALA A 187 -39.46 -2.08 7.58
N GLY A 188 -39.90 -2.17 8.83
CA GLY A 188 -41.11 -2.89 9.17
C GLY A 188 -40.91 -4.38 9.37
N HIS A 189 -39.70 -4.90 9.19
CA HIS A 189 -39.45 -6.33 9.33
C HIS A 189 -37.94 -6.53 9.47
N PRO A 190 -37.51 -7.66 10.03
CA PRO A 190 -36.08 -7.94 10.11
C PRO A 190 -35.53 -8.51 8.81
N PHE A 191 -34.24 -8.27 8.59
CA PHE A 191 -33.56 -8.78 7.41
C PHE A 191 -32.06 -8.60 7.64
N ASN A 192 -31.28 -9.36 6.89
CA ASN A 192 -29.82 -9.29 7.01
C ASN A 192 -29.35 -7.95 6.45
N LEU A 193 -29.05 -7.01 7.35
CA LEU A 193 -28.58 -5.70 6.92
C LEU A 193 -27.22 -5.76 6.25
N ASN A 194 -26.46 -6.85 6.45
CA ASN A 194 -25.19 -7.03 5.75
C ASN A 194 -25.38 -7.48 4.32
N SER A 195 -26.55 -7.99 3.96
CA SER A 195 -26.82 -8.44 2.61
C SER A 195 -27.25 -7.26 1.76
N ARG A 196 -26.41 -6.86 0.81
CA ARG A 196 -26.76 -5.75 -0.06
C ARG A 196 -27.91 -6.10 -0.99
N ASP A 197 -28.16 -7.38 -1.26
CA ASP A 197 -29.31 -7.77 -2.06
C ASP A 197 -30.61 -7.53 -1.29
N GLN A 198 -30.65 -7.94 -0.02
CA GLN A 198 -31.84 -7.71 0.78
C GLN A 198 -32.05 -6.22 1.03
N LEU A 199 -30.97 -5.47 1.25
CA LEU A 199 -31.10 -4.03 1.45
C LEU A 199 -31.57 -3.35 0.18
N GLU A 200 -31.14 -3.82 -0.99
CA GLU A 200 -31.59 -3.23 -2.24
C GLU A 200 -33.11 -3.26 -2.34
N ARG A 201 -33.72 -4.40 -2.01
CA ARG A 201 -35.17 -4.51 -2.08
C ARG A 201 -35.84 -3.53 -1.13
N VAL A 202 -35.37 -3.48 0.12
CA VAL A 202 -35.99 -2.61 1.12
C VAL A 202 -35.97 -1.16 0.64
N LEU A 203 -34.80 -0.68 0.20
CA LEU A 203 -34.67 0.73 -0.16
C LEU A 203 -35.48 1.07 -1.41
N PHE A 204 -35.34 0.27 -2.46
CA PHE A 204 -35.85 0.65 -3.77
C PHE A 204 -37.17 -0.04 -4.14
N ASP A 205 -37.50 -1.18 -3.55
CA ASP A 205 -38.77 -1.84 -3.81
C ASP A 205 -39.80 -1.55 -2.72
N GLU A 206 -39.45 -1.84 -1.46
CA GLU A 206 -40.39 -1.64 -0.37
C GLU A 206 -40.55 -0.15 -0.05
N LEU A 207 -39.44 0.52 0.26
CA LEU A 207 -39.48 1.95 0.57
C LEU A 207 -39.63 2.83 -0.66
N GLY A 208 -39.45 2.27 -1.86
CA GLY A 208 -39.67 3.03 -3.07
C GLY A 208 -38.71 4.16 -3.30
N LEU A 209 -37.53 4.12 -2.69
CA LEU A 209 -36.55 5.18 -2.90
C LEU A 209 -36.01 5.13 -4.33
N PRO A 210 -35.59 6.26 -4.88
CA PRO A 210 -35.07 6.25 -6.25
C PRO A 210 -33.69 5.60 -6.33
N ALA A 211 -33.48 4.83 -7.39
CA ALA A 211 -32.19 4.19 -7.61
C ALA A 211 -31.26 5.16 -8.33
N ILE A 212 -30.08 5.38 -7.76
CA ILE A 212 -29.14 6.36 -8.30
C ILE A 212 -28.23 5.72 -9.34
N GLY A 213 -27.58 4.61 -8.99
CA GLY A 213 -26.65 3.96 -9.88
C GLY A 213 -26.77 2.44 -9.78
N LYS A 214 -26.04 1.77 -10.67
CA LYS A 214 -26.05 0.32 -10.75
C LYS A 214 -24.65 -0.23 -10.58
N THR A 215 -24.58 -1.53 -10.26
CA THR A 215 -23.31 -2.20 -10.03
C THR A 215 -22.71 -2.66 -11.35
N GLU A 216 -21.40 -2.89 -11.33
CA GLU A 216 -20.64 -3.12 -12.56
C GLU A 216 -20.99 -4.46 -13.20
N LYS A 217 -20.76 -5.56 -12.47
CA LYS A 217 -20.84 -6.88 -13.09
C LYS A 217 -22.27 -7.31 -13.34
N THR A 218 -23.13 -7.22 -12.33
CA THR A 218 -24.48 -7.78 -12.40
C THR A 218 -25.56 -6.73 -12.65
N GLY A 219 -25.21 -5.45 -12.65
CA GLY A 219 -26.18 -4.43 -12.95
C GLY A 219 -27.30 -4.30 -11.94
N LYS A 220 -27.04 -4.63 -10.67
CA LYS A 220 -28.04 -4.43 -9.64
C LYS A 220 -28.06 -2.97 -9.21
N ARG A 221 -29.14 -2.58 -8.55
CA ARG A 221 -29.24 -1.24 -8.00
C ARG A 221 -28.26 -1.11 -6.83
N SER A 222 -27.28 -0.23 -6.98
CA SER A 222 -26.20 -0.15 -6.01
C SER A 222 -26.69 0.50 -4.71
N THR A 223 -26.18 -0.03 -3.59
CA THR A 223 -26.41 0.55 -2.27
C THR A 223 -25.14 1.17 -1.70
N SER A 224 -24.19 1.54 -2.55
CA SER A 224 -22.91 2.05 -2.10
C SER A 224 -23.10 3.35 -1.31
N ALA A 225 -22.05 3.72 -0.56
CA ALA A 225 -22.10 4.92 0.25
C ALA A 225 -22.41 6.15 -0.59
N ALA A 226 -21.82 6.24 -1.78
CA ALA A 226 -22.09 7.38 -2.64
C ALA A 226 -23.58 7.47 -2.99
N VAL A 227 -24.20 6.33 -3.28
CA VAL A 227 -25.64 6.31 -3.56
C VAL A 227 -26.42 6.73 -2.30
N LEU A 228 -26.12 6.09 -1.17
CA LEU A 228 -26.83 6.40 0.06
C LEU A 228 -26.64 7.86 0.46
N GLU A 229 -25.44 8.40 0.22
CA GLU A 229 -25.19 9.80 0.51
C GLU A 229 -26.17 10.70 -0.24
N ALA A 230 -26.40 10.40 -1.52
CA ALA A 230 -27.36 11.16 -2.32
C ALA A 230 -28.77 11.01 -1.79
N LEU A 231 -29.05 9.95 -1.02
CA LEU A 231 -30.37 9.70 -0.46
C LEU A 231 -30.42 10.00 1.04
N ARG A 232 -29.47 10.80 1.54
CA ARG A 232 -29.37 11.03 2.98
C ARG A 232 -30.60 11.75 3.54
N GLU A 233 -31.34 12.47 2.71
CA GLU A 233 -32.50 13.24 3.17
C GLU A 233 -33.82 12.70 2.61
N ALA A 234 -33.80 11.52 1.99
CA ALA A 234 -35.01 10.94 1.41
C ALA A 234 -35.75 10.01 2.37
N HIS A 235 -35.08 9.52 3.42
CA HIS A 235 -35.72 8.64 4.38
C HIS A 235 -34.82 8.50 5.60
N PRO A 236 -35.36 8.55 6.83
CA PRO A 236 -34.49 8.41 8.02
C PRO A 236 -33.70 7.12 8.07
N ILE A 237 -34.08 6.11 7.28
CA ILE A 237 -33.35 4.84 7.32
C ILE A 237 -31.96 4.99 6.71
N VAL A 238 -31.82 5.86 5.70
CA VAL A 238 -30.54 5.98 5.00
C VAL A 238 -29.44 6.40 5.94
N GLU A 239 -29.72 7.33 6.85
CA GLU A 239 -28.71 7.78 7.79
C GLU A 239 -28.26 6.65 8.71
N LYS A 240 -29.21 5.87 9.22
CA LYS A 240 -28.87 4.76 10.10
C LYS A 240 -28.04 3.71 9.37
N ILE A 241 -28.32 3.51 8.08
CA ILE A 241 -27.58 2.52 7.30
C ILE A 241 -26.12 2.94 7.17
N LEU A 242 -25.88 4.20 6.79
CA LEU A 242 -24.51 4.69 6.66
C LEU A 242 -23.73 4.51 7.96
N GLN A 243 -24.36 4.84 9.09
CA GLN A 243 -23.68 4.66 10.37
C GLN A 243 -23.45 3.18 10.66
N TYR A 244 -24.43 2.32 10.36
CA TYR A 244 -24.24 0.89 10.52
C TYR A 244 -23.08 0.39 9.67
N ARG A 245 -23.01 0.84 8.41
CA ARG A 245 -21.93 0.43 7.53
C ARG A 245 -20.57 0.81 8.11
N GLU A 246 -20.45 2.03 8.63
CA GLU A 246 -19.17 2.48 9.16
C GLU A 246 -18.71 1.62 10.33
N LEU A 247 -19.57 1.43 11.33
CA LEU A 247 -19.15 0.75 12.54
C LEU A 247 -18.89 -0.73 12.28
N THR A 248 -19.74 -1.39 11.50
CA THR A 248 -19.52 -2.81 11.23
C THR A 248 -18.25 -3.02 10.42
N LYS A 249 -17.93 -2.10 9.52
CA LYS A 249 -16.69 -2.21 8.76
C LYS A 249 -15.47 -2.10 9.67
N LEU A 250 -15.45 -1.06 10.51
CA LEU A 250 -14.31 -0.88 11.41
C LEU A 250 -14.24 -1.99 12.45
N LYS A 251 -15.39 -2.45 12.93
CA LYS A 251 -15.40 -3.52 13.93
C LYS A 251 -14.98 -4.85 13.32
N SER A 252 -15.52 -5.17 12.13
CA SER A 252 -15.26 -6.48 11.54
C SER A 252 -13.86 -6.58 10.93
N THR A 253 -13.27 -5.46 10.53
CA THR A 253 -11.99 -5.49 9.81
C THR A 253 -10.80 -5.16 10.68
N TYR A 254 -10.98 -4.40 11.78
CA TYR A 254 -9.86 -3.95 12.57
C TYR A 254 -10.03 -4.28 14.05
N ILE A 255 -11.09 -3.78 14.67
CA ILE A 255 -11.23 -3.88 16.12
C ILE A 255 -11.20 -5.34 16.56
N ASP A 256 -11.96 -6.20 15.88
CA ASP A 256 -12.11 -7.58 16.32
C ASP A 256 -10.98 -8.48 15.81
N PRO A 257 -10.56 -8.35 14.56
CA PRO A 257 -9.52 -9.30 14.06
C PRO A 257 -8.14 -9.03 14.62
N LEU A 258 -7.72 -7.77 14.72
CA LEU A 258 -6.33 -7.47 15.03
C LEU A 258 -5.90 -8.05 16.38
N PRO A 259 -6.68 -7.92 17.47
CA PRO A 259 -6.22 -8.50 18.74
C PRO A 259 -5.94 -9.99 18.66
N ASP A 260 -6.65 -10.73 17.81
CA ASP A 260 -6.44 -12.17 17.69
C ASP A 260 -5.20 -12.53 16.89
N LEU A 261 -4.48 -11.56 16.35
CA LEU A 261 -3.31 -11.81 15.51
C LEU A 261 -2.00 -11.52 16.22
N ILE A 262 -2.02 -11.26 17.53
CA ILE A 262 -0.79 -11.04 18.27
C ILE A 262 -0.01 -12.35 18.29
N HIS A 263 1.28 -12.28 17.96
CA HIS A 263 2.10 -13.47 17.91
C HIS A 263 2.54 -13.87 19.31
N PRO A 264 2.49 -15.17 19.65
CA PRO A 264 2.80 -15.55 21.04
C PRO A 264 4.25 -15.33 21.42
N ARG A 265 5.19 -15.54 20.49
CA ARG A 265 6.61 -15.40 20.81
C ARG A 265 7.02 -13.93 20.93
N THR A 266 6.47 -13.07 20.06
CA THR A 266 6.85 -11.66 20.04
C THR A 266 5.95 -10.77 20.86
N GLY A 267 4.68 -11.14 21.02
CA GLY A 267 3.72 -10.25 21.64
C GLY A 267 3.36 -9.04 20.79
N ARG A 268 3.58 -9.11 19.48
CA ARG A 268 3.36 -7.98 18.58
C ARG A 268 2.58 -8.44 17.36
N LEU A 269 2.15 -7.45 16.56
CA LEU A 269 1.36 -7.69 15.37
C LEU A 269 2.27 -7.61 14.14
N HIS A 270 2.20 -8.63 13.29
CA HIS A 270 3.12 -8.78 12.16
C HIS A 270 2.35 -8.79 10.85
N THR A 271 2.61 -7.78 10.02
CA THR A 271 2.08 -7.72 8.67
C THR A 271 3.10 -8.28 7.69
N ARG A 272 2.69 -8.36 6.42
CA ARG A 272 3.59 -8.71 5.33
C ARG A 272 3.66 -7.52 4.38
N PHE A 273 4.87 -7.21 3.92
CA PHE A 273 5.08 -6.15 2.93
C PHE A 273 5.43 -6.82 1.60
N ASN A 274 4.44 -6.89 0.72
CA ASN A 274 4.58 -7.59 -0.55
C ASN A 274 5.27 -6.69 -1.57
N GLN A 275 6.35 -7.20 -2.14
CA GLN A 275 7.24 -6.38 -2.97
C GLN A 275 6.97 -6.49 -4.47
N THR A 276 6.11 -7.44 -4.90
CA THR A 276 5.79 -7.61 -6.30
C THR A 276 4.28 -7.77 -6.46
N ALA A 277 3.53 -6.78 -6.01
CA ALA A 277 2.07 -6.87 -5.93
C ALA A 277 1.32 -5.79 -6.68
N THR A 278 1.96 -4.67 -7.04
CA THR A 278 1.27 -3.55 -7.67
C THR A 278 1.84 -3.28 -9.05
N ALA A 279 1.04 -2.58 -9.85
CA ALA A 279 1.44 -2.24 -11.22
C ALA A 279 2.29 -0.98 -11.30
N THR A 280 2.43 -0.23 -10.21
CA THR A 280 3.11 1.06 -10.23
C THR A 280 4.46 1.05 -9.53
N GLY A 281 4.82 -0.02 -8.85
CA GLY A 281 6.02 -0.06 -8.04
C GLY A 281 5.78 0.11 -6.56
N ARG A 282 4.54 0.39 -6.16
CA ARG A 282 4.22 0.48 -4.75
C ARG A 282 4.33 -0.89 -4.07
N LEU A 283 4.60 -0.86 -2.77
CA LEU A 283 4.39 -2.03 -1.95
C LEU A 283 2.91 -2.21 -1.64
N SER A 284 2.56 -3.40 -1.17
CA SER A 284 1.26 -3.63 -0.55
C SER A 284 1.48 -4.33 0.77
N SER A 285 0.45 -4.32 1.62
CA SER A 285 0.51 -4.89 2.95
C SER A 285 -0.69 -5.81 3.15
N SER A 286 -0.45 -6.98 3.72
CA SER A 286 -1.52 -7.96 3.89
C SER A 286 -1.24 -8.88 5.06
N ASP A 287 -2.30 -9.51 5.55
CA ASP A 287 -2.24 -10.57 6.54
C ASP A 287 -1.66 -10.12 7.87
N PRO A 288 -2.17 -9.01 8.46
CA PRO A 288 -3.21 -8.13 7.97
C PRO A 288 -2.66 -6.91 7.24
N ASN A 289 -3.51 -6.21 6.48
CA ASN A 289 -3.11 -4.96 5.85
C ASN A 289 -3.01 -3.88 6.91
N LEU A 290 -1.81 -3.33 7.11
CA LEU A 290 -1.60 -2.23 8.02
C LEU A 290 -1.38 -0.91 7.29
N GLN A 291 -1.64 -0.87 5.99
CA GLN A 291 -1.54 0.35 5.20
C GLN A 291 -2.90 1.02 4.99
N ASN A 292 -3.97 0.51 5.60
CA ASN A 292 -5.28 1.13 5.53
C ASN A 292 -5.96 1.11 6.90
N ILE A 293 -5.17 1.35 7.94
CA ILE A 293 -5.74 1.42 9.30
C ILE A 293 -6.62 2.67 9.41
N PRO A 294 -7.82 2.58 10.01
CA PRO A 294 -8.69 3.76 10.09
C PRO A 294 -8.00 4.97 10.70
N VAL A 295 -8.52 6.16 10.43
CA VAL A 295 -7.90 7.39 10.93
C VAL A 295 -8.82 8.59 10.74
N ARG A 296 -9.72 8.51 9.76
CA ARG A 296 -10.55 9.66 9.41
C ARG A 296 -11.53 10.00 10.53
N THR A 297 -12.42 9.07 10.85
CA THR A 297 -13.53 9.35 11.76
C THR A 297 -13.06 9.33 13.21
N PRO A 298 -13.89 9.83 14.14
CA PRO A 298 -13.51 9.74 15.55
C PRO A 298 -13.27 8.32 16.02
N LEU A 299 -14.10 7.37 15.61
CA LEU A 299 -13.87 5.97 15.95
C LEU A 299 -12.61 5.46 15.27
N GLY A 300 -12.35 5.88 14.03
CA GLY A 300 -11.12 5.50 13.37
C GLY A 300 -9.88 5.98 14.11
N GLN A 301 -9.95 7.19 14.67
CA GLN A 301 -8.83 7.70 15.45
C GLN A 301 -8.59 6.85 16.68
N ARG A 302 -9.66 6.40 17.35
CA ARG A 302 -9.49 5.52 18.49
C ARG A 302 -8.79 4.22 18.10
N ILE A 303 -9.00 3.75 16.86
CA ILE A 303 -8.33 2.54 16.41
C ILE A 303 -6.84 2.79 16.22
N ARG A 304 -6.47 3.96 15.67
CA ARG A 304 -5.06 4.30 15.55
C ARG A 304 -4.36 4.25 16.89
N ARG A 305 -5.00 4.78 17.94
CA ARG A 305 -4.37 4.85 19.25
C ARG A 305 -3.99 3.46 19.77
N ALA A 306 -4.58 2.40 19.23
CA ALA A 306 -4.24 1.05 19.69
C ALA A 306 -2.82 0.65 19.29
N PHE A 307 -2.27 1.27 18.25
CA PHE A 307 -0.89 0.98 17.83
C PHE A 307 0.05 1.83 18.66
N ILE A 308 0.81 1.18 19.55
CA ILE A 308 1.59 1.87 20.57
C ILE A 308 3.04 1.40 20.51
N ALA A 309 3.90 2.14 21.20
CA ALA A 309 5.31 1.78 21.29
C ALA A 309 5.54 0.86 22.47
N GLU A 310 6.60 0.06 22.38
CA GLU A 310 7.03 -0.73 23.51
C GLU A 310 7.31 0.18 24.70
N GLU A 311 7.21 -0.39 25.90
CA GLU A 311 7.51 0.37 27.12
C GLU A 311 8.92 0.94 27.03
N GLY A 312 9.05 2.23 27.35
CA GLY A 312 10.33 2.90 27.28
C GLY A 312 10.73 3.35 25.89
N TRP A 313 9.86 3.20 24.89
CA TRP A 313 10.12 3.61 23.53
C TRP A 313 9.07 4.63 23.10
N LEU A 314 9.30 5.22 21.93
CA LEU A 314 8.36 6.16 21.33
C LEU A 314 8.25 5.88 19.84
N LEU A 315 7.06 6.10 19.29
CA LEU A 315 6.87 6.01 17.86
C LEU A 315 7.24 7.32 17.18
N VAL A 316 7.85 7.21 16.01
CA VAL A 316 8.18 8.36 15.17
C VAL A 316 7.51 8.15 13.82
N ALA A 317 6.64 9.08 13.44
CA ALA A 317 5.89 9.01 12.19
C ALA A 317 6.36 10.12 11.26
N LEU A 318 6.79 9.75 10.06
CA LEU A 318 7.25 10.69 9.05
C LEU A 318 6.43 10.47 7.79
N ASP A 319 5.96 11.56 7.19
CA ASP A 319 5.08 11.49 6.04
C ASP A 319 5.41 12.62 5.07
N TYR A 320 5.70 12.27 3.82
CA TYR A 320 6.00 13.28 2.81
C TYR A 320 4.81 14.19 2.60
N SER A 321 5.08 15.47 2.41
CA SER A 321 4.05 16.47 2.17
C SER A 321 3.73 16.53 0.66
N GLN A 322 2.46 16.35 0.32
CA GLN A 322 1.97 16.54 -1.05
C GLN A 322 2.86 15.82 -2.06
N ILE A 323 3.17 14.57 -1.77
CA ILE A 323 4.28 13.90 -2.46
C ILE A 323 4.06 13.88 -3.97
N GLU A 324 2.93 13.35 -4.42
CA GLU A 324 2.74 13.19 -5.86
C GLU A 324 2.64 14.53 -6.58
N LEU A 325 2.14 15.56 -5.90
CA LEU A 325 2.14 16.89 -6.49
C LEU A 325 3.56 17.42 -6.67
N ARG A 326 4.42 17.20 -5.67
CA ARG A 326 5.82 17.59 -5.82
C ARG A 326 6.48 16.79 -6.93
N VAL A 327 6.21 15.48 -6.99
CA VAL A 327 6.72 14.67 -8.09
C VAL A 327 6.22 15.20 -9.43
N LEU A 328 4.93 15.53 -9.49
CA LEU A 328 4.36 16.04 -10.74
C LEU A 328 5.11 17.29 -11.20
N ALA A 329 5.47 18.18 -10.27
CA ALA A 329 6.22 19.37 -10.63
C ALA A 329 7.54 19.01 -11.28
N HIS A 330 8.28 18.08 -10.69
CA HIS A 330 9.56 17.68 -11.24
C HIS A 330 9.39 17.02 -12.62
N LEU A 331 8.45 16.08 -12.73
CA LEU A 331 8.27 15.36 -13.98
C LEU A 331 7.79 16.28 -15.09
N SER A 332 6.81 17.14 -14.79
CA SER A 332 6.24 18.00 -15.82
C SER A 332 7.12 19.21 -16.09
N GLY A 333 7.76 19.76 -15.06
CA GLY A 333 8.53 20.97 -15.20
C GLY A 333 7.73 22.24 -15.19
N ASP A 334 6.46 22.17 -14.82
CA ASP A 334 5.62 23.37 -14.78
C ASP A 334 6.20 24.39 -13.80
N GLU A 335 6.62 25.54 -14.32
CA GLU A 335 7.23 26.56 -13.47
C GLU A 335 6.26 27.02 -12.40
N ASN A 336 4.96 27.10 -12.73
CA ASN A 336 3.99 27.61 -11.77
C ASN A 336 3.84 26.64 -10.59
N LEU A 337 3.72 25.35 -10.87
CA LEU A 337 3.59 24.36 -9.81
C LEU A 337 4.87 24.30 -8.96
N ILE A 338 6.03 24.40 -9.61
CA ILE A 338 7.29 24.44 -8.87
C ILE A 338 7.29 25.60 -7.88
N ARG A 339 6.86 26.78 -8.34
CA ARG A 339 6.84 27.94 -7.46
C ARG A 339 5.94 27.73 -6.25
N VAL A 340 4.88 26.93 -6.40
CA VAL A 340 3.99 26.66 -5.27
C VAL A 340 4.77 26.06 -4.11
N PHE A 341 5.61 25.06 -4.41
CA PHE A 341 6.36 24.39 -3.34
C PHE A 341 7.61 25.16 -2.94
N GLN A 342 8.18 25.95 -3.86
CA GLN A 342 9.28 26.82 -3.48
C GLN A 342 8.82 27.96 -2.57
N GLU A 343 7.53 28.29 -2.61
CA GLU A 343 6.96 29.31 -1.74
C GLU A 343 6.30 28.73 -0.50
N GLY A 344 6.35 27.41 -0.32
CA GLY A 344 5.81 26.79 0.88
C GLY A 344 4.31 26.71 0.94
N ARG A 345 3.62 26.82 -0.20
CA ARG A 345 2.18 26.73 -0.23
C ARG A 345 1.72 25.28 -0.11
N ASP A 346 0.48 25.10 0.34
CA ASP A 346 -0.13 23.79 0.53
C ASP A 346 -1.41 23.73 -0.28
N ILE A 347 -1.37 22.99 -1.40
CA ILE A 347 -2.51 22.94 -2.30
C ILE A 347 -3.70 22.22 -1.66
N HIS A 348 -3.43 21.23 -0.81
CA HIS A 348 -4.51 20.54 -0.12
C HIS A 348 -5.26 21.50 0.80
N THR A 349 -4.52 22.34 1.54
CA THR A 349 -5.16 23.31 2.42
C THR A 349 -5.93 24.36 1.63
N GLU A 350 -5.35 24.80 0.50
CA GLU A 350 -6.01 25.84 -0.29
C GLU A 350 -7.31 25.33 -0.91
N THR A 351 -7.30 24.12 -1.47
CA THR A 351 -8.53 23.56 -2.01
C THR A 351 -9.55 23.32 -0.90
N ALA A 352 -9.07 22.91 0.29
CA ALA A 352 -9.97 22.70 1.42
C ALA A 352 -10.65 24.00 1.82
N SER A 353 -9.86 25.07 1.98
CA SER A 353 -10.42 26.35 2.38
C SER A 353 -11.41 26.87 1.34
N TRP A 354 -11.19 26.55 0.06
CA TRP A 354 -12.08 27.02 -0.99
C TRP A 354 -13.42 26.28 -0.96
N MET A 355 -13.37 24.95 -0.83
CA MET A 355 -14.60 24.16 -0.92
C MET A 355 -15.45 24.31 0.33
N PHE A 356 -14.83 24.52 1.49
CA PHE A 356 -15.56 24.70 2.74
C PHE A 356 -15.77 26.16 3.12
N GLY A 357 -15.14 27.09 2.42
CA GLY A 357 -15.33 28.50 2.69
C GLY A 357 -14.90 28.91 4.09
N VAL A 358 -13.68 28.54 4.47
CA VAL A 358 -13.15 28.88 5.79
C VAL A 358 -11.68 29.23 5.66
N PRO A 359 -11.13 29.96 6.63
CA PRO A 359 -9.69 30.27 6.59
C PRO A 359 -8.84 29.02 6.67
N ARG A 360 -7.57 29.17 6.30
CA ARG A 360 -6.64 28.04 6.34
C ARG A 360 -6.60 27.41 7.73
N GLU A 361 -6.48 28.25 8.76
CA GLU A 361 -6.36 27.76 10.12
C GLU A 361 -7.61 27.00 10.59
N ALA A 362 -8.72 27.10 9.86
CA ALA A 362 -9.95 26.41 10.22
C ALA A 362 -10.09 25.06 9.54
N VAL A 363 -9.12 24.66 8.71
CA VAL A 363 -9.18 23.38 8.02
C VAL A 363 -8.75 22.28 8.97
N ASP A 364 -9.65 21.33 9.23
CA ASP A 364 -9.35 20.19 10.07
C ASP A 364 -8.89 19.02 9.23
N PRO A 365 -8.38 17.96 9.85
CA PRO A 365 -7.90 16.82 9.05
C PRO A 365 -8.96 16.25 8.13
N LEU A 366 -10.21 16.18 8.58
CA LEU A 366 -11.28 15.65 7.72
C LEU A 366 -11.44 16.49 6.47
N MET A 367 -11.46 17.82 6.63
CA MET A 367 -11.56 18.71 5.47
C MET A 367 -10.40 18.48 4.50
N ARG A 368 -9.19 18.32 5.03
CA ARG A 368 -8.02 18.19 4.17
C ARG A 368 -8.07 16.89 3.37
N ARG A 369 -8.51 15.80 4.00
CA ARG A 369 -8.67 14.55 3.26
C ARG A 369 -9.67 14.71 2.13
N ALA A 370 -10.77 15.44 2.38
CA ALA A 370 -11.73 15.71 1.32
C ALA A 370 -11.09 16.51 0.18
N ALA A 371 -10.17 17.41 0.52
CA ALA A 371 -9.49 18.18 -0.52
C ALA A 371 -8.55 17.32 -1.34
N LYS A 372 -7.91 16.33 -0.71
CA LYS A 372 -7.03 15.42 -1.44
C LYS A 372 -7.77 14.70 -2.55
N THR A 373 -8.95 14.17 -2.24
CA THR A 373 -9.76 13.51 -3.26
C THR A 373 -9.94 14.41 -4.47
N ILE A 374 -10.24 15.69 -4.25
CA ILE A 374 -10.49 16.60 -5.36
C ILE A 374 -9.20 16.85 -6.14
N ASN A 375 -8.14 17.24 -5.44
CA ASN A 375 -6.89 17.60 -6.13
C ASN A 375 -6.37 16.44 -6.96
N PHE A 376 -6.30 15.24 -6.37
CA PHE A 376 -5.84 14.09 -7.13
C PHE A 376 -6.91 13.56 -8.07
N GLY A 377 -8.18 13.64 -7.68
CA GLY A 377 -9.26 13.24 -8.57
C GLY A 377 -9.24 14.03 -9.87
N VAL A 378 -9.20 15.35 -9.77
CA VAL A 378 -9.12 16.20 -10.96
C VAL A 378 -7.87 15.88 -11.76
N LEU A 379 -6.72 15.80 -11.08
CA LEU A 379 -5.46 15.59 -11.78
C LEU A 379 -5.50 14.34 -12.65
N TYR A 380 -5.99 13.24 -12.09
CA TYR A 380 -5.98 11.95 -12.79
C TYR A 380 -7.28 11.67 -13.54
N GLY A 381 -8.00 12.70 -13.95
CA GLY A 381 -9.05 12.56 -14.93
C GLY A 381 -10.47 12.42 -14.40
N MET A 382 -10.77 12.96 -13.22
CA MET A 382 -12.15 12.93 -12.74
C MET A 382 -13.04 13.77 -13.64
N SER A 383 -14.30 13.35 -13.77
CA SER A 383 -15.26 14.04 -14.62
C SER A 383 -16.01 15.11 -13.84
N ALA A 384 -16.50 16.11 -14.58
CA ALA A 384 -17.24 17.19 -13.94
C ALA A 384 -18.51 16.69 -13.28
N HIS A 385 -19.16 15.67 -13.85
CA HIS A 385 -20.37 15.12 -13.27
C HIS A 385 -20.13 14.64 -11.85
N ARG A 386 -19.15 13.75 -11.67
CA ARG A 386 -18.81 13.27 -10.33
C ARG A 386 -18.34 14.41 -9.45
N LEU A 387 -17.49 15.29 -9.99
CA LEU A 387 -16.97 16.40 -9.20
C LEU A 387 -18.10 17.26 -8.66
N SER A 388 -19.14 17.48 -9.45
CA SER A 388 -20.27 18.28 -8.98
C SER A 388 -20.92 17.65 -7.75
N GLN A 389 -21.00 16.32 -7.72
CA GLN A 389 -21.59 15.64 -6.57
C GLN A 389 -20.65 15.66 -5.37
N GLU A 390 -19.35 15.42 -5.60
CA GLU A 390 -18.38 15.46 -4.52
C GLU A 390 -18.32 16.84 -3.89
N LEU A 391 -18.24 17.88 -4.73
CA LEU A 391 -18.14 19.26 -4.25
C LEU A 391 -19.49 19.85 -3.84
N ALA A 392 -20.60 19.21 -4.19
CA ALA A 392 -21.92 19.70 -3.82
C ALA A 392 -22.22 21.05 -4.48
N ILE A 393 -21.78 21.20 -5.72
CA ILE A 393 -21.94 22.46 -6.46
C ILE A 393 -22.61 22.17 -7.80
N PRO A 394 -23.09 23.18 -8.52
CA PRO A 394 -23.67 22.92 -9.84
C PRO A 394 -22.64 22.32 -10.79
N TYR A 395 -23.14 21.57 -11.77
CA TYR A 395 -22.27 20.95 -12.76
C TYR A 395 -21.41 21.98 -13.47
N GLU A 396 -22.00 23.12 -13.83
CA GLU A 396 -21.24 24.15 -14.56
C GLU A 396 -20.07 24.65 -13.72
N GLU A 397 -20.28 24.84 -12.42
CA GLU A 397 -19.19 25.27 -11.55
C GLU A 397 -18.10 24.21 -11.45
N ALA A 398 -18.49 22.94 -11.45
CA ALA A 398 -17.51 21.86 -11.36
C ALA A 398 -16.62 21.83 -12.60
N GLN A 399 -17.21 21.98 -13.79
CA GLN A 399 -16.42 22.05 -15.01
C GLN A 399 -15.45 23.22 -14.95
N ALA A 400 -15.89 24.34 -14.38
CA ALA A 400 -15.00 25.49 -14.26
C ALA A 400 -13.82 25.19 -13.35
N PHE A 401 -14.05 24.43 -12.27
CA PHE A 401 -12.97 24.08 -11.36
C PHE A 401 -11.86 23.32 -12.09
N ILE A 402 -12.24 22.34 -12.92
CA ILE A 402 -11.26 21.57 -13.67
C ILE A 402 -10.51 22.47 -14.64
N GLU A 403 -11.19 23.49 -15.18
CA GLU A 403 -10.55 24.39 -16.13
C GLU A 403 -9.46 25.22 -15.45
N ARG A 404 -9.79 25.85 -14.32
CA ARG A 404 -8.80 26.65 -13.62
C ARG A 404 -7.67 25.79 -13.05
N TYR A 405 -7.98 24.54 -12.69
CA TYR A 405 -6.96 23.66 -12.14
C TYR A 405 -5.80 23.49 -13.11
N PHE A 406 -6.08 23.01 -14.32
CA PHE A 406 -5.02 22.76 -15.30
C PHE A 406 -4.51 24.05 -15.91
N GLN A 407 -5.38 25.05 -16.10
CA GLN A 407 -4.93 26.34 -16.60
C GLN A 407 -3.85 26.94 -15.69
N SER A 408 -3.93 26.69 -14.39
CA SER A 408 -2.94 27.19 -13.46
C SER A 408 -1.57 26.55 -13.67
N PHE A 409 -1.53 25.35 -14.24
CA PHE A 409 -0.28 24.60 -14.45
C PHE A 409 -0.27 24.04 -15.86
N PRO A 410 -0.11 24.91 -16.87
CA PRO A 410 -0.27 24.44 -18.27
C PRO A 410 0.72 23.38 -18.68
N LYS A 411 1.86 23.24 -17.99
CA LYS A 411 2.83 22.21 -18.36
C LYS A 411 2.35 20.81 -17.99
N VAL A 412 1.36 20.69 -17.11
CA VAL A 412 0.87 19.38 -16.71
C VAL A 412 0.23 18.67 -17.89
N ARG A 413 -0.69 19.34 -18.58
CA ARG A 413 -1.33 18.75 -19.76
C ARG A 413 -0.29 18.33 -20.79
N ALA A 414 0.70 19.19 -21.04
CA ALA A 414 1.74 18.84 -22.01
C ALA A 414 2.47 17.58 -21.62
N TRP A 415 2.70 17.38 -20.32
CA TRP A 415 3.36 16.16 -19.87
C TRP A 415 2.48 14.94 -20.05
N ILE A 416 1.19 15.07 -19.70
CA ILE A 416 0.25 13.95 -19.87
C ILE A 416 0.26 13.46 -21.31
N GLU A 417 0.20 14.40 -22.27
CA GLU A 417 0.17 14.01 -23.67
C GLU A 417 1.51 13.43 -24.11
N LYS A 418 2.61 13.97 -23.60
CA LYS A 418 3.92 13.39 -23.91
C LYS A 418 4.04 11.99 -23.35
N THR A 419 3.53 11.76 -22.14
CA THR A 419 3.61 10.43 -21.53
C THR A 419 2.75 9.43 -22.31
N LEU A 420 1.51 9.82 -22.65
CA LEU A 420 0.64 8.90 -23.38
C LEU A 420 1.19 8.59 -24.76
N GLU A 421 1.78 9.59 -25.43
CA GLU A 421 2.33 9.36 -26.75
C GLU A 421 3.48 8.35 -26.70
N GLU A 422 4.39 8.53 -25.75
CA GLU A 422 5.50 7.59 -25.60
C GLU A 422 4.98 6.21 -25.22
N GLY A 423 3.94 6.15 -24.38
CA GLY A 423 3.37 4.87 -24.01
C GLY A 423 2.77 4.14 -25.20
N ARG A 424 2.16 4.87 -26.11
CA ARG A 424 1.61 4.25 -27.31
C ARG A 424 2.72 3.73 -28.22
N ARG A 425 3.77 4.53 -28.41
CA ARG A 425 4.86 4.12 -29.30
C ARG A 425 5.65 2.97 -28.70
N ARG A 426 6.01 3.06 -27.42
CA ARG A 426 6.83 2.04 -26.79
C ARG A 426 6.03 0.93 -26.15
N GLY A 427 4.76 1.18 -25.80
CA GLY A 427 3.93 0.19 -25.16
C GLY A 427 3.99 0.20 -23.64
N TYR A 428 4.78 1.09 -23.05
CA TYR A 428 4.90 1.16 -21.60
C TYR A 428 5.25 2.58 -21.19
N VAL A 429 4.85 2.94 -19.97
CA VAL A 429 5.26 4.19 -19.36
C VAL A 429 6.32 3.86 -18.32
N GLU A 430 7.06 4.89 -17.90
CA GLU A 430 8.18 4.68 -16.98
C GLU A 430 8.21 5.78 -15.92
N THR A 431 8.82 5.45 -14.79
CA THR A 431 9.01 6.41 -13.70
C THR A 431 10.31 7.19 -13.95
N LEU A 432 10.64 8.06 -12.98
CA LEU A 432 11.88 8.84 -13.09
C LEU A 432 13.11 7.93 -13.12
N PHE A 433 13.05 6.78 -12.46
CA PHE A 433 14.19 5.87 -12.38
C PHE A 433 14.12 4.75 -13.39
N GLY A 434 13.11 4.73 -14.27
CA GLY A 434 13.03 3.75 -15.32
C GLY A 434 12.13 2.56 -15.03
N ARG A 435 11.47 2.52 -13.88
CA ARG A 435 10.51 1.46 -13.62
C ARG A 435 9.38 1.53 -14.64
N ARG A 436 9.07 0.39 -15.26
CA ARG A 436 8.16 0.35 -16.39
C ARG A 436 6.83 -0.26 -16.00
N ARG A 437 5.77 0.21 -16.66
CA ARG A 437 4.46 -0.45 -16.63
C ARG A 437 3.95 -0.54 -18.06
N TYR A 438 3.61 -1.75 -18.49
CA TYR A 438 3.10 -1.95 -19.84
C TYR A 438 1.61 -1.67 -19.89
N VAL A 439 1.22 -0.79 -20.82
CA VAL A 439 -0.18 -0.38 -20.97
C VAL A 439 -0.59 -0.58 -22.42
N PRO A 440 -0.86 -1.82 -22.84
CA PRO A 440 -1.15 -2.05 -24.27
C PRO A 440 -2.47 -1.45 -24.73
N ASP A 441 -3.44 -1.29 -23.83
CA ASP A 441 -4.75 -0.78 -24.24
C ASP A 441 -4.74 0.71 -24.58
N LEU A 442 -3.59 1.39 -24.61
CA LEU A 442 -3.55 2.76 -25.11
C LEU A 442 -3.98 2.86 -26.56
N GLU A 443 -3.88 1.76 -27.32
CA GLU A 443 -4.25 1.72 -28.72
C GLU A 443 -5.59 1.04 -28.95
N ALA A 444 -6.35 0.78 -27.88
CA ALA A 444 -7.62 0.06 -28.00
C ALA A 444 -8.60 0.85 -28.86
N ARG A 445 -9.51 0.12 -29.50
CA ARG A 445 -10.49 0.71 -30.40
C ARG A 445 -11.76 1.18 -29.68
N VAL A 446 -12.02 0.66 -28.48
CA VAL A 446 -13.17 1.09 -27.68
C VAL A 446 -12.72 2.25 -26.81
N LYS A 447 -13.45 3.38 -26.91
CA LYS A 447 -13.02 4.59 -26.22
C LYS A 447 -12.95 4.39 -24.72
N SER A 448 -13.99 3.79 -24.13
CA SER A 448 -14.01 3.58 -22.69
C SER A 448 -12.77 2.82 -22.22
N VAL A 449 -12.46 1.71 -22.90
CA VAL A 449 -11.27 0.94 -22.55
C VAL A 449 -10.01 1.78 -22.75
N ARG A 450 -9.94 2.49 -23.87
CA ARG A 450 -8.75 3.28 -24.17
C ARG A 450 -8.53 4.36 -23.12
N GLU A 451 -9.57 5.15 -22.84
CA GLU A 451 -9.42 6.25 -21.89
C GLU A 451 -9.14 5.75 -20.48
N ALA A 452 -9.63 4.56 -20.13
CA ALA A 452 -9.27 3.97 -18.84
C ALA A 452 -7.78 3.67 -18.78
N ALA A 453 -7.25 3.02 -19.83
CA ALA A 453 -5.82 2.76 -19.90
C ALA A 453 -5.02 4.05 -19.81
N GLU A 454 -5.52 5.12 -20.43
CA GLU A 454 -4.80 6.40 -20.41
C GLU A 454 -4.66 6.91 -18.99
N ARG A 455 -5.74 6.87 -18.21
CA ARG A 455 -5.66 7.33 -16.82
C ARG A 455 -4.69 6.48 -16.02
N MET A 456 -4.73 5.15 -16.22
CA MET A 456 -3.73 4.29 -15.58
C MET A 456 -2.33 4.64 -16.07
N ALA A 457 -2.19 5.01 -17.34
CA ALA A 457 -0.88 5.19 -17.95
C ALA A 457 -0.14 6.37 -17.34
N PHE A 458 -0.72 7.57 -17.41
CA PHE A 458 0.00 8.74 -16.93
C PHE A 458 -0.06 8.91 -15.42
N ASN A 459 -0.81 8.06 -14.72
CA ASN A 459 -0.73 8.05 -13.26
C ASN A 459 0.49 7.28 -12.77
N MET A 460 0.86 6.21 -13.47
CA MET A 460 1.94 5.35 -12.99
C MET A 460 3.26 6.08 -12.83
N PRO A 461 3.70 6.95 -13.74
CA PRO A 461 4.96 7.67 -13.51
C PRO A 461 4.94 8.51 -12.26
N VAL A 462 3.79 9.09 -11.90
CA VAL A 462 3.72 9.94 -10.71
C VAL A 462 3.72 9.08 -9.45
N GLN A 463 2.75 8.16 -9.35
CA GLN A 463 2.70 7.29 -8.19
C GLN A 463 3.94 6.40 -8.10
N GLY A 464 4.45 5.97 -9.25
CA GLY A 464 5.60 5.08 -9.26
C GLY A 464 6.88 5.78 -8.82
N THR A 465 7.07 7.03 -9.23
CA THR A 465 8.25 7.78 -8.80
C THR A 465 8.22 8.00 -7.29
N ALA A 466 7.05 8.35 -6.75
CA ALA A 466 6.93 8.48 -5.29
C ALA A 466 7.28 7.19 -4.58
N ALA A 467 6.88 6.05 -5.16
CA ALA A 467 7.25 4.77 -4.57
C ALA A 467 8.75 4.52 -4.70
N ASP A 468 9.32 4.82 -5.87
CA ASP A 468 10.77 4.70 -6.02
C ASP A 468 11.50 5.52 -4.97
N LEU A 469 11.05 6.76 -4.76
CA LEU A 469 11.71 7.63 -3.80
C LEU A 469 11.59 7.08 -2.38
N MET A 470 10.39 6.64 -1.99
CA MET A 470 10.20 6.09 -0.65
C MET A 470 11.07 4.85 -0.45
N LYS A 471 11.07 3.94 -1.42
CA LYS A 471 11.89 2.73 -1.31
C LYS A 471 13.37 3.08 -1.14
N LEU A 472 13.87 3.99 -1.97
CA LEU A 472 15.27 4.40 -1.87
C LEU A 472 15.55 5.01 -0.50
N ALA A 473 14.60 5.79 0.02
CA ALA A 473 14.78 6.39 1.34
C ALA A 473 14.85 5.31 2.42
N MET A 474 14.02 4.27 2.30
CA MET A 474 14.06 3.18 3.27
C MET A 474 15.40 2.47 3.24
N VAL A 475 15.96 2.27 2.04
CA VAL A 475 17.26 1.61 1.92
C VAL A 475 18.36 2.45 2.54
N LYS A 476 18.32 3.77 2.32
CA LYS A 476 19.31 4.65 2.92
C LYS A 476 19.15 4.74 4.42
N LEU A 477 17.91 4.81 4.91
CA LEU A 477 17.67 5.09 6.32
C LEU A 477 17.95 3.87 7.21
N PHE A 478 17.61 2.67 6.73
CA PHE A 478 17.68 1.49 7.59
C PHE A 478 19.03 1.32 8.29
N PRO A 479 20.17 1.33 7.60
CA PRO A 479 21.45 1.15 8.32
C PRO A 479 21.72 2.26 9.33
N ARG A 480 21.20 3.46 9.08
CA ARG A 480 21.37 4.55 10.06
C ARG A 480 20.58 4.28 11.32
N LEU A 481 19.38 3.69 11.19
CA LEU A 481 18.57 3.40 12.36
C LEU A 481 19.18 2.28 13.19
N GLU A 482 19.76 1.27 12.52
CA GLU A 482 20.42 0.20 13.25
C GLU A 482 21.51 0.75 14.17
N GLU A 483 22.29 1.72 13.68
CA GLU A 483 23.38 2.26 14.47
C GLU A 483 22.87 3.06 15.67
N MET A 484 21.68 3.62 15.58
CA MET A 484 21.10 4.41 16.67
C MET A 484 20.21 3.58 17.58
N GLY A 485 20.10 2.27 17.35
CA GLY A 485 19.24 1.44 18.17
C GLY A 485 17.77 1.67 17.93
N ALA A 486 17.39 2.12 16.73
CA ALA A 486 16.01 2.36 16.38
C ALA A 486 15.49 1.26 15.44
N ARG A 487 14.16 1.17 15.37
CA ARG A 487 13.50 0.13 14.58
C ARG A 487 12.63 0.78 13.52
N MET A 488 12.56 0.15 12.35
CA MET A 488 11.61 0.52 11.31
C MET A 488 10.46 -0.47 11.36
N LEU A 489 9.24 0.02 11.62
CA LEU A 489 8.10 -0.85 11.87
C LEU A 489 7.14 -0.93 10.69
N LEU A 490 6.67 0.21 10.20
CA LEU A 490 5.62 0.23 9.18
C LEU A 490 5.98 1.23 8.09
N GLN A 491 5.43 0.98 6.91
CA GLN A 491 5.52 1.88 5.77
C GLN A 491 4.14 1.99 5.14
N VAL A 492 3.75 3.22 4.78
CA VAL A 492 2.43 3.45 4.20
C VAL A 492 2.59 4.32 2.96
N HIS A 493 3.35 3.80 1.98
CA HIS A 493 3.49 4.41 0.66
C HIS A 493 4.39 5.64 0.68
N ASP A 494 4.01 6.67 1.44
CA ASP A 494 4.86 7.86 1.57
C ASP A 494 5.13 8.17 3.05
N GLU A 495 4.97 7.18 3.92
CA GLU A 495 5.07 7.39 5.36
C GLU A 495 5.86 6.24 5.97
N LEU A 496 6.58 6.54 7.04
CA LEU A 496 7.28 5.55 7.83
C LEU A 496 6.92 5.72 9.30
N VAL A 497 6.73 4.59 9.99
CA VAL A 497 6.56 4.57 11.43
C VAL A 497 7.79 3.89 12.01
N LEU A 498 8.49 4.58 12.89
CA LEU A 498 9.69 4.07 13.54
C LEU A 498 9.44 3.91 15.03
N GLU A 499 10.32 3.15 15.67
CA GLU A 499 10.28 2.92 17.11
C GLU A 499 11.69 3.14 17.65
N ALA A 500 11.83 4.08 18.57
CA ALA A 500 13.14 4.45 19.07
C ALA A 500 13.12 4.56 20.59
N PRO A 501 14.26 4.34 21.24
CA PRO A 501 14.32 4.60 22.69
C PRO A 501 13.93 6.04 22.99
N LYS A 502 13.21 6.22 24.10
CA LYS A 502 12.72 7.54 24.48
C LYS A 502 13.83 8.58 24.40
N GLU A 503 15.00 8.27 24.95
CA GLU A 503 16.10 9.23 25.00
C GLU A 503 16.72 9.48 23.63
N ARG A 504 16.41 8.68 22.62
CA ARG A 504 16.95 8.86 21.28
C ARG A 504 15.89 9.26 20.27
N ALA A 505 14.62 9.32 20.67
CA ALA A 505 13.53 9.57 19.71
C ALA A 505 13.75 10.87 18.97
N GLU A 506 14.09 11.94 19.69
CA GLU A 506 14.31 13.23 19.04
C GLU A 506 15.41 13.15 18.00
N ALA A 507 16.53 12.49 18.34
CA ALA A 507 17.63 12.37 17.40
C ALA A 507 17.22 11.57 16.17
N VAL A 508 16.53 10.45 16.37
CA VAL A 508 16.06 9.63 15.25
C VAL A 508 15.12 10.43 14.36
N ALA A 509 14.21 11.20 14.97
CA ALA A 509 13.25 11.96 14.20
C ALA A 509 13.95 12.96 13.27
N ARG A 510 14.94 13.68 13.80
CA ARG A 510 15.68 14.64 12.98
C ARG A 510 16.44 13.93 11.86
N LEU A 511 17.10 12.81 12.18
CA LEU A 511 17.89 12.11 11.18
C LEU A 511 16.99 11.54 10.08
N ALA A 512 15.94 10.81 10.46
CA ALA A 512 15.05 10.22 9.46
C ALA A 512 14.46 11.29 8.56
N LYS A 513 14.12 12.45 9.12
CA LYS A 513 13.57 13.53 8.32
C LYS A 513 14.56 13.96 7.23
N GLU A 514 15.82 14.17 7.61
CA GLU A 514 16.82 14.63 6.66
C GLU A 514 17.05 13.59 5.56
N VAL A 515 17.18 12.32 5.94
CA VAL A 515 17.38 11.27 4.95
C VAL A 515 16.24 11.24 3.94
N MET A 516 15.01 11.31 4.44
CA MET A 516 13.85 11.24 3.55
C MET A 516 13.77 12.46 2.64
N GLU A 517 14.04 13.64 3.18
CA GLU A 517 13.93 14.86 2.38
C GLU A 517 15.03 14.96 1.33
N GLY A 518 16.21 14.41 1.61
CA GLY A 518 17.32 14.49 0.68
C GLY A 518 17.60 13.19 -0.05
N VAL A 519 16.62 12.29 -0.09
CA VAL A 519 16.82 10.98 -0.72
C VAL A 519 17.28 11.15 -2.16
N TYR A 520 16.71 12.12 -2.88
CA TYR A 520 17.02 12.33 -4.28
C TYR A 520 16.58 13.73 -4.67
N PRO A 521 17.46 14.73 -4.57
CA PRO A 521 17.04 16.11 -4.84
C PRO A 521 16.32 16.25 -6.17
N LEU A 522 15.20 16.95 -6.15
CA LEU A 522 14.39 17.23 -7.33
C LEU A 522 14.35 18.73 -7.57
N ALA A 523 13.57 19.13 -8.58
CA ALA A 523 13.39 20.55 -8.87
C ALA A 523 12.58 21.27 -7.80
N VAL A 524 11.94 20.53 -6.90
CA VAL A 524 11.21 21.11 -5.78
C VAL A 524 11.71 20.45 -4.51
N PRO A 525 11.69 21.15 -3.37
CA PRO A 525 12.12 20.51 -2.12
C PRO A 525 11.09 19.49 -1.66
N LEU A 526 11.58 18.35 -1.17
CA LEU A 526 10.75 17.36 -0.51
C LEU A 526 10.70 17.68 0.98
N GLU A 527 9.51 17.97 1.48
CA GLU A 527 9.30 18.30 2.89
C GLU A 527 8.61 17.12 3.57
N VAL A 528 9.03 16.83 4.80
CA VAL A 528 8.51 15.72 5.58
C VAL A 528 7.94 16.26 6.89
N GLU A 529 6.71 15.85 7.20
CA GLU A 529 6.11 16.17 8.49
C GLU A 529 6.41 15.04 9.47
N VAL A 530 6.91 15.41 10.65
CA VAL A 530 7.38 14.44 11.63
C VAL A 530 6.69 14.71 12.96
N GLY A 531 6.37 13.63 13.68
CA GLY A 531 5.84 13.74 15.02
C GLY A 531 6.27 12.54 15.85
N ILE A 532 6.19 12.72 17.17
CA ILE A 532 6.62 11.71 18.13
C ILE A 532 5.51 11.52 19.15
N GLY A 533 5.23 10.27 19.49
CA GLY A 533 4.23 9.97 20.50
C GLY A 533 4.29 8.51 20.88
N GLU A 534 3.56 8.17 21.94
CA GLU A 534 3.48 6.78 22.37
C GLU A 534 2.50 5.95 21.55
N ASP A 535 1.73 6.58 20.68
CA ASP A 535 0.80 5.85 19.81
C ASP A 535 0.83 6.48 18.42
N TRP A 536 0.35 5.70 17.44
CA TRP A 536 0.46 6.09 16.04
C TRP A 536 -0.26 7.41 15.77
N LEU A 537 -1.43 7.62 16.40
CA LEU A 537 -2.16 8.86 16.18
C LEU A 537 -1.42 10.04 16.78
N SER A 538 -0.86 9.89 17.98
CA SER A 538 -0.12 10.98 18.60
C SER A 538 1.06 11.41 17.74
N ALA A 539 1.80 10.45 17.19
CA ALA A 539 2.98 10.75 16.38
C ALA A 539 2.62 11.37 15.04
N LYS A 540 1.35 11.37 14.64
CA LYS A 540 0.94 11.93 13.37
C LYS A 540 0.79 13.45 13.46
O D4B B 9 -16.49 -0.52 2.82
C1' D4B B 9 -15.32 0.21 2.56
C10 D4B B 9 -18.69 -0.29 -4.29
C11 D4B B 9 -19.55 -0.18 -5.37
C12 D4B B 9 -16.99 0.96 -5.51
C13 D4B B 9 -17.87 1.06 -6.59
C14 D4B B 9 -19.14 0.48 -6.53
C15 D4B B 9 -20.07 0.52 -7.59
C16 D4B B 9 -20.75 0.61 -8.54
C2 D4B B 9 -13.61 -1.04 1.04
C2' D4B B 9 -15.81 1.70 2.47
C3' D4B B 9 -16.74 1.72 3.68
C4 D4B B 9 -15.54 0.02 0.08
C4' D4B B 9 -17.30 0.26 3.69
C5 D4B B 9 -15.12 -0.39 -1.19
C5' D4B B 9 -18.79 0.35 3.18
C6 D4B B 9 -13.90 -1.13 -1.27
C7 D4B B 9 -15.89 -0.12 -2.31
C8 D4B B 9 -16.56 0.10 -3.27
C9 D4B B 9 -17.40 0.28 -4.37
N1 D4B B 9 -13.15 -1.46 -0.21
N3 D4B B 9 -14.83 -0.27 1.18
N6 D4B B 9 -13.40 -1.53 -2.49
O1 D4B B 9 -18.86 0.88 1.94
O2 D4B B 9 -12.98 -1.33 2.05
OP1 D4B B 9 -20.10 1.94 -0.06
O3' D4B B 9 -16.07 2.03 4.87
P D4B B 9 -20.42 0.98 1.06
OP2 D4B B 9 -21.22 1.65 2.21
H1' D4B B 9 -14.66 -0.09 3.37
H2 D4B B 9 -19.00 -0.80 -3.39
H11 D4B B 9 -20.55 -0.61 -5.31
H14 D4B B 9 -16.00 1.39 -5.56
H15 D4B B 9 -17.57 1.58 -7.50
H16 D4B B 9 -21.38 0.70 -9.42
H2'A D4B B 9 -16.34 1.96 1.56
H2'B D4B B 9 -14.96 2.37 2.57
H3' D4B B 9 -17.53 2.48 3.63
H4 D4B B 9 -16.46 0.59 0.18
H4' D4B B 9 -17.25 -0.27 4.65
H5'B D4B B 9 -19.37 0.93 3.89
H5'A D4B B 9 -19.16 -0.67 3.20
HN2 D4B B 9 -12.53 -2.05 -2.55
HN1 D4B B 9 -13.89 -1.32 -3.35
MN MN D . 0.79 9.49 3.74
MN MN E . 1.92 12.62 2.41
N1 XG4 F . -6.38 9.54 -5.19
C2 XG4 F . -5.18 9.39 -5.83
N2 XG4 F . -5.21 9.29 -7.15
N3 XG4 F . -4.00 9.33 -5.19
C4 XG4 F . -4.13 9.43 -3.86
C5 XG4 F . -5.28 9.58 -3.12
C6 XG4 F . -6.54 9.65 -3.82
O6 XG4 F . -7.65 9.82 -3.33
N7 XG4 F . -4.98 9.63 -1.76
C8 XG4 F . -3.68 9.53 -1.72
N9 XG4 F . -3.10 9.42 -2.95
PA XG4 F . -1.13 11.18 1.58
PB XG4 F . -0.19 13.77 0.51
PG XG4 F . -0.01 15.36 2.95
C1' XG4 F . -1.67 9.42 -3.29
O1A XG4 F . 0.25 11.13 2.36
O1B XG4 F . 1.17 13.27 0.61
O1G XG4 F . 0.94 14.24 3.37
C2' XG4 F . -1.14 10.81 -3.65
O2A XG4 F . -2.20 10.86 2.52
O2B XG4 F . -0.45 14.20 -0.98
O2G XG4 F . 0.60 16.72 3.03
C3' XG4 F . -0.52 11.29 -2.35
O3' XG4 F . 0.50 12.24 -2.61
N3A XG4 F . -1.31 12.67 0.94
O3B XG4 F . -0.43 15.06 1.44
O3G XG4 F . -1.30 15.24 3.77
C4' XG4 F . 0.02 10.00 -1.77
O4' XG4 F . -0.94 8.99 -2.14
C5' XG4 F . 0.24 9.99 -0.28
O5' XG4 F . -1.03 10.18 0.39
HN1 XG4 F . -7.22 9.59 -5.73
HN2 XG4 F . -6.06 9.31 -7.71
HN2A XG4 F . -4.34 9.17 -7.67
H8 XG4 F . -3.11 9.54 -0.78
H1' XG4 F . -1.51 8.67 -4.05
H2' XG4 F . -1.95 11.44 -4.00
H2'A XG4 F . -0.43 10.79 -4.48
H3' XG4 F . -1.27 11.73 -1.69
HO3' XG4 F . 0.28 12.67 -3.48
HN3A XG4 F . -2.27 12.97 0.78
H4' XG4 F . 0.95 9.71 -2.27
H5' XG4 F . 0.74 9.07 0.03
H5'A XG4 F . 0.84 10.84 0.02
#